data_5WZ3
#
_entry.id   5WZ3
#
_cell.length_a   63.528
_cell.length_b   84.851
_cell.length_c   69.199
_cell.angle_alpha   90.00
_cell.angle_beta   113.37
_cell.angle_gamma   90.00
#
_symmetry.space_group_name_H-M   'P 1 21 1'
#
loop_
_entity.id
_entity.type
_entity.pdbx_description
1 polymer 'NS5 RdRp'
2 non-polymer 'ZINC ION'
3 water water
#
_entity_poly.entity_id   1
_entity_poly.type   'polypeptide(L)'
_entity_poly.pdbx_seq_one_letter_code
;HHHHHHMKIIGNRIERIRSEHAETWFFDENHPYRTWAYHGSYEAPTQGSASSLINGVVRLLSKPWDVVTGVTGIAMTDTT
PYGQQRVFKEKVDTRVPDPQEGTRQVMSMVSSWLWKELGKHKRPRVCTKEEFINKVRSNAALGAIFEEEKEWKTAVEAVN
DPRFWALVDKEREHHLRGECQSCVYNMMGKREKKQGEFGKAKGSRAIWYMWLGARFLEFEALGFLNEDHWMGRENSGGGV
EGLGLQRLGYVLEEMSRIPGGRMYADDTAGWDTRISRFDLENEALITNQMEKGHRALALAIIKYTYQNKVVKVLRPAEKG
KTVMDIISRQDQRGSGQVVTYALNTFTNLVVQLIRNMEAEEVLEMQDLWLLRRSEKVTNWLQSNGWDRLKRMAVSGDDCV
VKPIDDRFAHALRFLNDMGKVRKDTQEWKPSTGWDNWEEVPFCSHHFNKLHLKDGRSIVVPCRHQDELIGRARVSPGAGW
SIRETACLAKSYAQMWQLLYFHRRDLRLMANAICSSVPVDWVPTGRTTWSIHGKGEWMTTEDMLVVWNRVWIEENDHMED
KTPVTKWTDIPYLGKREDLWCGSLIGHRPRTTWAENIKNTVNMVRRIIGDEEKYMDYLS
;
_entity_poly.pdbx_strand_id   A
#
loop_
_chem_comp.id
_chem_comp.type
_chem_comp.name
_chem_comp.formula
ZN non-polymer 'ZINC ION' 'Zn 2'
#
# COMPACT_ATOMS: atom_id res chain seq x y z
N HIS A 6 1.26 10.24 -28.62
CA HIS A 6 1.00 9.04 -27.83
C HIS A 6 1.25 7.78 -28.63
N MET A 7 0.73 7.74 -29.86
CA MET A 7 0.90 6.57 -30.73
C MET A 7 2.36 6.33 -31.10
N LYS A 8 3.12 7.42 -31.25
CA LYS A 8 4.52 7.28 -31.63
C LYS A 8 5.32 6.75 -30.44
N ILE A 9 4.83 7.03 -29.23
CA ILE A 9 5.49 6.59 -28.01
C ILE A 9 5.24 5.11 -27.69
N ILE A 10 4.01 4.64 -27.92
CA ILE A 10 3.63 3.26 -27.61
C ILE A 10 3.86 2.35 -28.81
N GLY A 11 4.19 2.97 -29.93
CA GLY A 11 4.48 2.30 -31.18
C GLY A 11 5.25 1.02 -31.18
N ASN A 12 6.45 1.01 -30.63
CA ASN A 12 7.29 -0.13 -30.90
C ASN A 12 6.92 -1.25 -29.92
N ARG A 13 6.29 -0.85 -28.81
CA ARG A 13 5.74 -1.86 -27.90
C ARG A 13 4.58 -2.59 -28.58
N ILE A 14 3.69 -1.82 -29.18
CA ILE A 14 2.58 -2.43 -29.90
C ILE A 14 3.11 -3.29 -31.05
N GLU A 15 4.13 -2.82 -31.76
CA GLU A 15 4.69 -3.62 -32.84
C GLU A 15 5.34 -4.89 -32.31
N ARG A 16 6.01 -4.80 -31.16
CA ARG A 16 6.73 -5.92 -30.57
C ARG A 16 5.75 -6.98 -30.08
N ILE A 17 4.55 -6.56 -29.71
CA ILE A 17 3.51 -7.51 -29.33
C ILE A 17 2.79 -8.09 -30.56
N ARG A 18 2.57 -7.24 -31.56
CA ARG A 18 1.83 -7.59 -32.78
C ARG A 18 2.55 -8.67 -33.60
N SER A 19 3.86 -8.54 -33.63
CA SER A 19 4.79 -9.58 -34.09
C SER A 19 5.12 -10.81 -33.23
N GLU A 20 5.05 -10.73 -31.93
CA GLU A 20 5.22 -11.94 -31.10
C GLU A 20 4.01 -12.88 -31.28
N HIS A 21 2.95 -12.38 -31.85
CA HIS A 21 1.65 -13.02 -31.74
C HIS A 21 0.87 -12.86 -33.04
N ALA A 22 1.61 -12.72 -34.13
CA ALA A 22 1.02 -12.35 -35.42
C ALA A 22 0.00 -13.34 -35.95
N GLU A 23 0.20 -14.63 -35.68
CA GLU A 23 -0.69 -15.66 -36.24
C GLU A 23 -2.07 -15.72 -35.58
N THR A 24 -2.19 -15.18 -34.36
CA THR A 24 -3.49 -15.15 -33.71
C THR A 24 -3.99 -13.72 -33.51
N TRP A 25 -3.16 -12.75 -33.92
CA TRP A 25 -3.49 -11.34 -33.75
C TRP A 25 -4.70 -10.94 -34.57
N PHE A 26 -5.57 -10.12 -33.99
CA PHE A 26 -6.74 -9.60 -34.72
C PHE A 26 -7.25 -8.31 -34.07
N PHE A 27 -8.12 -7.60 -34.78
CA PHE A 27 -8.74 -6.40 -34.24
C PHE A 27 -10.22 -6.65 -33.95
N ASP A 28 -10.59 -6.59 -32.67
CA ASP A 28 -11.97 -6.82 -32.25
C ASP A 28 -12.78 -5.53 -32.33
N GLU A 29 -13.61 -5.43 -33.36
CA GLU A 29 -14.42 -4.23 -33.56
C GLU A 29 -15.40 -4.00 -32.41
N ASN A 30 -15.74 -5.07 -31.72
CA ASN A 30 -16.73 -4.99 -30.64
C ASN A 30 -16.11 -5.04 -29.24
N HIS A 31 -14.86 -4.60 -29.14
CA HIS A 31 -14.18 -4.49 -27.85
C HIS A 31 -14.93 -3.51 -26.93
N PRO A 32 -14.80 -3.72 -25.61
CA PRO A 32 -15.60 -2.92 -24.67
C PRO A 32 -14.91 -1.69 -24.09
N TYR A 33 -13.77 -1.28 -24.64
CA TYR A 33 -12.98 -0.21 -24.02
C TYR A 33 -13.44 1.18 -24.42
N ARG A 34 -13.82 1.98 -23.42
CA ARG A 34 -14.37 3.31 -23.65
C ARG A 34 -13.34 4.43 -23.49
N THR A 35 -12.55 4.37 -22.42
CA THR A 35 -11.61 5.44 -22.11
C THR A 35 -10.16 5.03 -22.32
N TRP A 36 -9.95 3.78 -22.74
CA TRP A 36 -8.63 3.31 -23.13
C TRP A 36 -8.55 3.23 -24.64
N ALA A 37 -7.37 3.51 -25.19
CA ALA A 37 -7.14 3.27 -26.61
C ALA A 37 -6.96 1.77 -26.82
N TYR A 38 -7.68 1.20 -27.77
CA TYR A 38 -7.58 -0.24 -28.03
C TYR A 38 -6.82 -0.49 -29.33
N HIS A 39 -5.87 -1.42 -29.31
CA HIS A 39 -4.96 -1.60 -30.42
C HIS A 39 -5.08 -2.95 -31.10
N GLY A 40 -5.70 -3.91 -30.42
CA GLY A 40 -5.86 -5.24 -30.98
C GLY A 40 -5.83 -6.32 -29.92
N SER A 41 -6.01 -7.56 -30.35
CA SER A 41 -6.03 -8.69 -29.44
C SER A 41 -5.30 -9.89 -30.04
N TYR A 42 -4.99 -10.87 -29.21
CA TYR A 42 -4.52 -12.15 -29.71
C TYR A 42 -5.07 -13.28 -28.85
N GLU A 43 -4.82 -14.52 -29.25
CA GLU A 43 -5.33 -15.67 -28.50
C GLU A 43 -4.47 -16.00 -27.29
N ALA A 44 -5.12 -16.30 -26.17
CA ALA A 44 -4.42 -16.56 -24.92
C ALA A 44 -4.85 -17.92 -24.37
N PRO A 45 -3.94 -18.58 -23.61
CA PRO A 45 -4.28 -19.88 -22.99
C PRO A 45 -5.55 -19.84 -22.14
N LEU A 53 -6.47 -23.11 -2.80
CA LEU A 53 -5.78 -21.89 -2.42
C LEU A 53 -5.87 -21.64 -0.92
N ILE A 54 -6.27 -22.66 -0.17
CA ILE A 54 -6.44 -22.53 1.27
C ILE A 54 -5.25 -23.03 2.06
N ASN A 55 -4.83 -22.25 3.05
CA ASN A 55 -3.82 -22.70 4.00
C ASN A 55 -4.45 -23.72 4.95
N GLY A 56 -4.08 -24.99 4.77
CA GLY A 56 -4.67 -26.07 5.54
C GLY A 56 -4.41 -26.00 7.02
N VAL A 57 -3.21 -25.56 7.40
CA VAL A 57 -2.84 -25.47 8.81
C VAL A 57 -3.69 -24.44 9.54
N VAL A 58 -3.80 -23.24 8.95
CA VAL A 58 -4.63 -22.20 9.55
C VAL A 58 -6.11 -22.62 9.56
N ARG A 59 -6.56 -23.26 8.49
CA ARG A 59 -7.96 -23.66 8.40
C ARG A 59 -8.31 -24.68 9.47
N LEU A 60 -7.44 -25.68 9.66
CA LEU A 60 -7.67 -26.70 10.67
C LEU A 60 -7.75 -26.11 12.08
N LEU A 61 -7.11 -24.96 12.28
CA LEU A 61 -7.05 -24.33 13.59
C LEU A 61 -7.98 -23.12 13.73
N SER A 62 -8.88 -22.93 12.77
CA SER A 62 -9.83 -21.82 12.84
C SER A 62 -11.23 -22.23 12.40
N LYS A 63 -11.69 -23.37 12.90
CA LYS A 63 -12.99 -23.92 12.50
C LYS A 63 -14.20 -22.96 12.65
N PRO A 64 -14.29 -22.21 13.77
CA PRO A 64 -15.46 -21.33 13.90
C PRO A 64 -15.64 -20.32 12.76
N TRP A 65 -14.58 -20.04 12.04
CA TRP A 65 -14.65 -19.05 10.98
C TRP A 65 -14.92 -19.68 9.62
N ASP A 66 -15.24 -20.96 9.60
CA ASP A 66 -15.67 -21.62 8.37
C ASP A 66 -17.04 -21.09 7.95
N VAL A 67 -17.84 -20.65 8.90
CA VAL A 67 -19.19 -20.16 8.62
C VAL A 67 -19.30 -18.64 8.70
N VAL A 68 -18.16 -17.98 8.80
CA VAL A 68 -18.12 -16.52 8.81
C VAL A 68 -17.74 -16.01 7.42
N THR A 69 -18.71 -15.47 6.70
CA THR A 69 -18.50 -15.04 5.31
C THR A 69 -17.51 -13.89 5.21
N GLY A 70 -17.41 -13.10 6.27
CA GLY A 70 -16.42 -12.04 6.34
C GLY A 70 -15.02 -12.60 6.24
N VAL A 71 -14.86 -13.86 6.63
CA VAL A 71 -13.58 -14.55 6.56
C VAL A 71 -13.42 -15.33 5.27
N THR A 72 -14.41 -16.17 4.95
CA THR A 72 -14.32 -17.06 3.81
C THR A 72 -14.44 -16.31 2.48
N GLY A 73 -15.07 -15.13 2.50
CA GLY A 73 -15.27 -14.36 1.28
C GLY A 73 -14.02 -13.68 0.75
N ILE A 74 -12.89 -14.01 1.37
CA ILE A 74 -11.65 -13.30 1.11
C ILE A 74 -10.72 -14.16 0.26
N THR A 79 -8.90 -14.27 -10.70
CA THR A 79 -7.99 -14.79 -11.72
C THR A 79 -8.66 -14.78 -13.09
N THR A 80 -9.89 -15.27 -13.11
CA THR A 80 -10.66 -15.46 -14.34
C THR A 80 -10.79 -14.18 -15.16
N PRO A 81 -10.78 -14.32 -16.50
CA PRO A 81 -11.04 -13.20 -17.41
C PRO A 81 -12.40 -12.54 -17.15
N TYR A 82 -13.38 -13.34 -16.76
CA TYR A 82 -14.73 -12.84 -16.47
C TYR A 82 -14.72 -11.83 -15.32
N GLY A 83 -13.86 -12.05 -14.35
CA GLY A 83 -13.73 -11.15 -13.22
C GLY A 83 -12.95 -9.90 -13.57
N GLN A 84 -11.81 -10.09 -14.22
CA GLN A 84 -10.96 -8.99 -14.63
C GLN A 84 -11.70 -8.01 -15.54
N GLN A 85 -12.54 -8.54 -16.42
CA GLN A 85 -13.34 -7.67 -17.27
C GLN A 85 -14.31 -6.84 -16.43
N ARG A 86 -15.02 -7.49 -15.50
CA ARG A 86 -15.98 -6.79 -14.63
C ARG A 86 -15.31 -5.65 -13.85
N VAL A 87 -14.26 -6.00 -13.11
CA VAL A 87 -13.57 -5.01 -12.30
C VAL A 87 -12.96 -3.92 -13.18
N PHE A 88 -12.56 -4.27 -14.40
CA PHE A 88 -12.03 -3.26 -15.31
C PHE A 88 -13.14 -2.27 -15.72
N LYS A 89 -14.28 -2.79 -16.15
CA LYS A 89 -15.39 -1.94 -16.58
C LYS A 89 -15.90 -1.03 -15.47
N GLU A 90 -15.96 -1.53 -14.25
CA GLU A 90 -16.51 -0.67 -13.21
C GLU A 90 -15.46 0.25 -12.57
N LYS A 91 -14.20 -0.16 -12.57
CA LYS A 91 -13.17 0.59 -11.85
C LYS A 91 -12.25 1.42 -12.74
N VAL A 92 -11.72 0.81 -13.80
CA VAL A 92 -10.58 1.36 -14.50
C VAL A 92 -10.94 2.02 -15.84
N ASP A 93 -12.06 1.60 -16.44
CA ASP A 93 -12.47 2.17 -17.72
C ASP A 93 -13.29 3.43 -17.50
N THR A 94 -12.66 4.42 -16.86
CA THR A 94 -13.34 5.65 -16.49
C THR A 94 -12.47 6.87 -16.84
N ARG A 95 -13.09 8.04 -16.93
CA ARG A 95 -12.31 9.26 -17.14
C ARG A 95 -12.91 10.49 -16.47
N VAL A 96 -12.03 11.39 -16.06
CA VAL A 96 -12.35 12.60 -15.32
C VAL A 96 -11.98 13.83 -16.14
N PRO A 97 -12.81 14.88 -16.11
CA PRO A 97 -12.44 16.10 -16.84
C PRO A 97 -11.13 16.70 -16.34
N ASP A 98 -10.39 17.38 -17.21
CA ASP A 98 -9.18 18.10 -16.80
C ASP A 98 -9.50 19.12 -15.71
N PRO A 99 -8.61 19.27 -14.74
CA PRO A 99 -8.76 20.41 -13.82
C PRO A 99 -8.64 21.71 -14.60
N GLN A 100 -9.19 22.80 -14.08
CA GLN A 100 -9.08 24.09 -14.75
C GLN A 100 -7.65 24.60 -14.66
N GLU A 101 -7.32 25.60 -15.47
CA GLU A 101 -5.92 26.03 -15.58
C GLU A 101 -5.36 26.60 -14.28
N GLY A 102 -6.18 27.33 -13.52
CA GLY A 102 -5.73 27.87 -12.26
C GLY A 102 -5.40 26.75 -11.26
N THR A 103 -6.30 25.77 -11.21
CA THR A 103 -6.09 24.59 -10.40
C THR A 103 -4.76 23.92 -10.76
N ARG A 104 -4.50 23.78 -12.06
CA ARG A 104 -3.25 23.19 -12.52
C ARG A 104 -2.02 24.03 -12.14
N GLN A 105 -2.16 25.36 -12.18
CA GLN A 105 -1.06 26.23 -11.76
C GLN A 105 -0.76 26.02 -10.29
N VAL A 106 -1.80 25.94 -9.48
CA VAL A 106 -1.64 25.71 -8.04
C VAL A 106 -0.97 24.34 -7.78
N MET A 107 -1.44 23.32 -8.50
CA MET A 107 -0.87 21.98 -8.39
C MET A 107 0.62 22.00 -8.70
N SER A 108 0.98 22.65 -9.80
CA SER A 108 2.39 22.72 -10.19
C SER A 108 3.24 23.49 -9.16
N MET A 109 2.74 24.63 -8.69
CA MET A 109 3.48 25.40 -7.68
C MET A 109 3.72 24.63 -6.39
N VAL A 110 2.66 24.00 -5.88
CA VAL A 110 2.78 23.26 -4.63
C VAL A 110 3.68 22.05 -4.82
N SER A 111 3.57 21.38 -5.97
CA SER A 111 4.45 20.23 -6.24
C SER A 111 5.92 20.65 -6.30
N SER A 112 6.19 21.76 -6.99
N SER A 112 6.20 21.75 -6.99
CA SER A 112 7.55 22.27 -7.10
CA SER A 112 7.56 22.27 -7.10
C SER A 112 8.12 22.60 -5.73
C SER A 112 8.11 22.59 -5.71
N TRP A 113 7.33 23.32 -4.93
CA TRP A 113 7.73 23.65 -3.57
C TRP A 113 8.03 22.39 -2.74
N LEU A 114 7.13 21.41 -2.82
CA LEU A 114 7.29 20.21 -2.00
C LEU A 114 8.52 19.42 -2.42
N TRP A 115 8.71 19.24 -3.72
CA TRP A 115 9.92 18.55 -4.21
C TRP A 115 11.16 19.25 -3.72
N LYS A 116 11.15 20.59 -3.74
CA LYS A 116 12.34 21.29 -3.27
C LYS A 116 12.56 21.11 -1.76
N GLU A 117 11.48 21.01 -0.99
CA GLU A 117 11.65 20.74 0.45
C GLU A 117 12.18 19.34 0.71
N LEU A 118 11.65 18.36 -0.03
CA LEU A 118 12.06 16.97 0.14
C LEU A 118 13.50 16.73 -0.29
N GLY A 119 13.99 17.56 -1.20
CA GLY A 119 15.35 17.40 -1.71
C GLY A 119 16.35 18.34 -1.05
N LYS A 120 15.90 19.05 -0.03
CA LYS A 120 16.78 20.00 0.66
C LYS A 120 17.97 19.30 1.29
N HIS A 121 17.71 18.16 1.94
CA HIS A 121 18.75 17.43 2.66
C HIS A 121 19.04 16.06 2.06
N LYS A 122 18.57 15.85 0.84
CA LYS A 122 18.79 14.59 0.14
C LYS A 122 19.01 14.85 -1.34
N ARG A 123 19.87 14.05 -1.96
CA ARG A 123 20.11 14.19 -3.39
C ARG A 123 19.72 12.91 -4.10
N PRO A 124 19.05 13.02 -5.24
CA PRO A 124 18.70 11.84 -6.05
C PRO A 124 19.95 11.09 -6.46
N ARG A 125 19.83 9.76 -6.53
CA ARG A 125 20.92 8.93 -7.01
C ARG A 125 20.37 7.75 -7.80
N VAL A 126 21.20 7.19 -8.65
CA VAL A 126 20.87 5.96 -9.35
C VAL A 126 21.02 4.78 -8.39
N CYS A 127 20.05 3.88 -8.37
CA CYS A 127 20.18 2.67 -7.58
C CYS A 127 20.83 1.59 -8.43
N THR A 128 21.56 0.69 -7.79
CA THR A 128 22.44 -0.23 -8.50
C THR A 128 21.87 -1.62 -8.72
N LYS A 129 22.47 -2.34 -9.66
CA LYS A 129 22.14 -3.72 -9.96
C LYS A 129 22.26 -4.60 -8.71
N GLU A 130 23.32 -4.38 -7.95
CA GLU A 130 23.58 -5.19 -6.76
C GLU A 130 22.61 -4.83 -5.62
N GLU A 131 22.16 -3.58 -5.58
CA GLU A 131 21.11 -3.17 -4.65
C GLU A 131 19.83 -3.94 -4.95
N PHE A 132 19.52 -4.04 -6.23
CA PHE A 132 18.33 -4.73 -6.69
C PHE A 132 18.42 -6.23 -6.40
N ILE A 133 19.58 -6.80 -6.64
CA ILE A 133 19.81 -8.23 -6.40
C ILE A 133 19.67 -8.55 -4.91
N ASN A 134 20.36 -7.77 -4.08
CA ASN A 134 20.28 -7.96 -2.63
C ASN A 134 18.87 -7.76 -2.11
N LYS A 135 18.16 -6.80 -2.69
CA LYS A 135 16.78 -6.54 -2.28
C LYS A 135 15.88 -7.72 -2.68
N VAL A 136 16.20 -8.32 -3.82
CA VAL A 136 15.45 -9.48 -4.31
C VAL A 136 15.67 -10.70 -3.43
N ARG A 137 16.91 -10.91 -2.99
CA ARG A 137 17.24 -12.10 -2.20
C ARG A 137 16.64 -12.10 -0.79
N SER A 138 16.09 -10.97 -0.35
CA SER A 138 15.43 -10.92 0.94
C SER A 138 13.94 -11.24 0.80
N GLU A 157 16.49 -16.29 -9.16
CA GLU A 157 17.75 -16.47 -9.88
C GLU A 157 17.65 -16.05 -11.34
N ALA A 158 16.58 -15.33 -11.67
CA ALA A 158 16.55 -14.63 -12.93
C ALA A 158 17.56 -13.47 -12.80
N VAL A 159 17.78 -13.02 -11.57
CA VAL A 159 18.72 -11.93 -11.29
C VAL A 159 20.18 -12.39 -11.32
N ASN A 160 20.39 -13.68 -11.20
CA ASN A 160 21.73 -14.27 -11.39
C ASN A 160 21.91 -15.05 -12.72
N ASP A 161 21.14 -14.62 -13.69
CA ASP A 161 21.42 -14.99 -15.06
C ASP A 161 21.92 -13.76 -15.80
N PRO A 162 23.09 -13.85 -16.45
CA PRO A 162 23.65 -12.79 -17.29
C PRO A 162 22.75 -12.34 -18.44
N ARG A 163 21.97 -13.28 -18.98
CA ARG A 163 21.07 -13.00 -20.09
C ARG A 163 19.99 -11.99 -19.70
N PHE A 164 19.49 -12.12 -18.48
CA PHE A 164 18.51 -11.20 -17.94
C PHE A 164 19.05 -9.78 -17.98
N TRP A 165 20.28 -9.61 -17.51
CA TRP A 165 20.91 -8.30 -17.49
C TRP A 165 21.31 -7.84 -18.88
N ALA A 166 21.42 -8.78 -19.81
CA ALA A 166 21.63 -8.42 -21.21
C ALA A 166 20.36 -7.80 -21.78
N LEU A 167 19.22 -8.42 -21.48
CA LEU A 167 17.93 -7.86 -21.86
C LEU A 167 17.68 -6.50 -21.20
N VAL A 168 18.02 -6.41 -19.92
CA VAL A 168 17.91 -5.17 -19.18
C VAL A 168 18.77 -4.05 -19.79
N ASP A 169 20.03 -4.35 -20.08
CA ASP A 169 20.95 -3.37 -20.65
C ASP A 169 20.46 -2.92 -22.00
N LYS A 170 19.94 -3.89 -22.74
CA LYS A 170 19.30 -3.67 -24.01
C LYS A 170 18.12 -2.69 -24.00
N GLU A 171 17.14 -2.97 -23.14
CA GLU A 171 16.02 -2.06 -22.98
C GLU A 171 16.53 -0.69 -22.50
N ARG A 172 17.56 -0.70 -21.66
CA ARG A 172 18.12 0.55 -21.16
C ARG A 172 18.70 1.41 -22.29
N GLU A 173 19.47 0.81 -23.19
CA GLU A 173 20.01 1.60 -24.28
C GLU A 173 18.89 2.05 -25.18
N HIS A 174 17.84 1.23 -25.30
CA HIS A 174 16.63 1.72 -25.99
C HIS A 174 16.09 3.00 -25.35
N HIS A 175 15.97 3.00 -24.02
CA HIS A 175 15.50 4.18 -23.29
C HIS A 175 16.40 5.39 -23.51
N LEU A 176 17.71 5.16 -23.47
CA LEU A 176 18.68 6.23 -23.64
C LEU A 176 18.64 6.80 -25.05
N ARG A 177 18.24 5.98 -26.01
CA ARG A 177 18.06 6.46 -27.37
C ARG A 177 16.75 7.21 -27.54
N GLY A 178 15.80 6.93 -26.66
CA GLY A 178 14.50 7.58 -26.73
C GLY A 178 13.40 6.65 -27.18
N GLU A 179 13.56 5.36 -26.90
CA GLU A 179 12.59 4.36 -27.29
C GLU A 179 12.27 3.40 -26.15
N CYS A 180 11.15 2.70 -26.27
CA CYS A 180 10.78 1.67 -25.31
C CYS A 180 10.20 0.49 -26.07
N GLN A 181 10.73 -0.71 -25.84
CA GLN A 181 10.24 -1.90 -26.54
C GLN A 181 9.37 -2.82 -25.71
N SER A 182 9.68 -2.93 -24.42
CA SER A 182 9.18 -4.05 -23.64
C SER A 182 8.57 -3.70 -22.28
N CYS A 183 8.52 -2.42 -21.95
CA CYS A 183 7.93 -2.01 -20.69
C CYS A 183 6.40 -1.96 -20.80
N VAL A 184 5.79 -3.13 -20.57
CA VAL A 184 4.35 -3.30 -20.74
C VAL A 184 3.74 -3.91 -19.48
N TYR A 185 2.56 -3.42 -19.09
CA TYR A 185 1.85 -3.94 -17.92
C TYR A 185 0.99 -5.16 -18.23
N ASN A 186 0.91 -6.08 -17.27
CA ASN A 186 -0.16 -7.07 -17.27
C ASN A 186 -1.18 -6.71 -16.21
N MET A 187 -2.39 -6.40 -16.66
CA MET A 187 -3.46 -5.97 -15.76
C MET A 187 -3.77 -6.99 -14.68
N TRP A 208 -1.68 -5.06 -11.89
CA TRP A 208 -0.66 -4.44 -12.73
C TRP A 208 0.72 -5.04 -12.52
N TYR A 209 0.92 -6.26 -13.00
CA TYR A 209 2.24 -6.89 -12.87
C TYR A 209 3.12 -6.49 -14.05
N MET A 210 4.42 -6.50 -13.83
CA MET A 210 5.37 -6.11 -14.87
C MET A 210 6.58 -7.03 -14.86
N TRP A 211 7.19 -7.19 -16.03
CA TRP A 211 8.42 -7.95 -16.19
C TRP A 211 9.48 -7.43 -15.22
N LEU A 212 10.27 -8.34 -14.66
CA LEU A 212 11.23 -7.98 -13.62
C LEU A 212 12.29 -7.00 -14.12
N GLY A 213 12.59 -7.05 -15.42
CA GLY A 213 13.56 -6.14 -16.01
C GLY A 213 13.08 -4.71 -16.01
N ALA A 214 11.82 -4.52 -16.40
CA ALA A 214 11.20 -3.20 -16.40
C ALA A 214 11.19 -2.65 -14.99
N ARG A 215 10.89 -3.52 -14.04
CA ARG A 215 10.87 -3.13 -12.63
C ARG A 215 12.27 -2.75 -12.17
N PHE A 216 13.29 -3.44 -12.68
CA PHE A 216 14.64 -3.02 -12.34
C PHE A 216 14.96 -1.66 -12.92
N LEU A 217 14.55 -1.39 -14.16
CA LEU A 217 14.84 -0.09 -14.76
C LEU A 217 14.16 1.04 -13.96
N GLU A 218 12.93 0.77 -13.54
CA GLU A 218 12.21 1.73 -12.71
C GLU A 218 12.96 1.94 -11.40
N PHE A 219 13.39 0.85 -10.77
CA PHE A 219 14.14 0.89 -9.52
C PHE A 219 15.44 1.70 -9.68
N GLU A 220 16.08 1.52 -10.81
CA GLU A 220 17.33 2.17 -11.12
C GLU A 220 17.13 3.67 -11.21
N ALA A 221 16.05 4.07 -11.89
CA ALA A 221 15.82 5.49 -12.12
C ALA A 221 15.18 6.25 -10.93
N LEU A 222 14.29 5.60 -10.19
CA LEU A 222 13.48 6.31 -9.19
C LEU A 222 13.48 5.64 -7.81
N GLY A 223 14.14 4.49 -7.70
CA GLY A 223 14.18 3.76 -6.45
C GLY A 223 14.73 4.54 -5.26
N PHE A 224 15.51 5.59 -5.52
CA PHE A 224 16.09 6.39 -4.44
C PHE A 224 15.01 6.96 -3.54
N LEU A 225 13.83 7.23 -4.09
CA LEU A 225 12.71 7.74 -3.30
C LEU A 225 12.40 6.79 -2.14
N ASN A 226 12.49 5.50 -2.41
CA ASN A 226 12.27 4.47 -1.40
C ASN A 226 13.52 4.24 -0.54
N GLU A 227 14.63 3.94 -1.21
CA GLU A 227 15.83 3.50 -0.52
C GLU A 227 16.39 4.57 0.41
N ASP A 228 16.26 5.83 0.03
CA ASP A 228 16.76 6.93 0.82
C ASP A 228 15.66 7.64 1.61
N HIS A 229 14.49 7.01 1.69
CA HIS A 229 13.39 7.43 2.56
C HIS A 229 12.95 8.88 2.37
N TRP A 230 12.74 9.28 1.11
CA TRP A 230 12.29 10.64 0.83
C TRP A 230 10.94 10.97 1.48
N MET A 231 10.08 9.95 1.65
CA MET A 231 8.77 10.16 2.26
C MET A 231 8.73 9.77 3.74
N GLY A 232 9.90 9.57 4.35
CA GLY A 232 9.97 9.34 5.78
C GLY A 232 9.53 10.59 6.52
N ARG A 233 9.04 10.45 7.75
CA ARG A 233 8.42 11.58 8.45
C ARG A 233 9.43 12.69 8.73
N GLU A 234 10.67 12.30 9.00
CA GLU A 234 11.74 13.25 9.25
C GLU A 234 11.97 14.16 8.04
N ASN A 235 11.95 13.58 6.85
CA ASN A 235 12.22 14.33 5.63
C ASN A 235 11.02 15.08 5.06
N SER A 236 9.82 14.54 5.27
CA SER A 236 8.63 15.04 4.59
C SER A 236 7.61 15.73 5.49
N GLY A 237 7.77 15.59 6.80
CA GLY A 237 6.85 16.18 7.74
C GLY A 237 5.55 15.40 7.89
N GLY A 238 4.89 15.15 6.75
CA GLY A 238 3.59 14.50 6.75
C GLY A 238 3.62 13.04 6.40
N GLY A 239 4.73 12.57 5.84
CA GLY A 239 4.85 11.17 5.47
C GLY A 239 5.05 10.28 6.68
N VAL A 240 4.96 8.97 6.47
CA VAL A 240 5.14 8.00 7.56
C VAL A 240 5.93 6.77 7.06
N GLU A 241 6.62 6.91 5.94
CA GLU A 241 7.35 5.78 5.37
C GLU A 241 8.44 5.31 6.32
N GLY A 242 8.50 4.00 6.55
CA GLY A 242 9.48 3.46 7.47
C GLY A 242 8.94 3.20 8.87
N LEU A 243 7.78 3.79 9.19
CA LEU A 243 7.16 3.54 10.48
C LEU A 243 6.33 2.27 10.40
N GLY A 244 6.34 1.48 11.46
CA GLY A 244 5.52 0.28 11.47
C GLY A 244 4.16 0.58 12.05
N LEU A 245 3.25 -0.38 11.93
CA LEU A 245 1.95 -0.28 12.58
C LEU A 245 2.08 -0.08 14.09
N GLN A 246 3.24 -0.47 14.63
CA GLN A 246 3.51 -0.28 16.07
C GLN A 246 3.79 1.18 16.44
N ARG A 247 3.88 2.08 15.46
CA ARG A 247 4.16 3.51 15.71
C ARG A 247 3.12 4.53 15.18
N LEU A 248 2.37 4.10 14.16
CA LEU A 248 1.44 5.02 13.49
C LEU A 248 0.42 5.62 14.47
N GLY A 249 -0.02 4.81 15.43
CA GLY A 249 -0.98 5.25 16.42
C GLY A 249 -0.45 6.42 17.24
N TYR A 250 0.84 6.35 17.55
CA TYR A 250 1.48 7.45 18.27
C TYR A 250 1.51 8.68 17.40
N VAL A 251 1.71 8.47 16.10
CA VAL A 251 1.65 9.66 15.22
C VAL A 251 0.27 10.35 15.29
N LEU A 252 -0.79 9.54 15.23
CA LEU A 252 -2.15 10.09 15.33
C LEU A 252 -2.42 10.78 16.68
N GLU A 253 -1.93 10.19 17.76
CA GLU A 253 -2.10 10.81 19.09
C GLU A 253 -1.41 12.19 19.14
N GLU A 254 -0.17 12.20 18.66
CA GLU A 254 0.60 13.45 18.54
C GLU A 254 -0.20 14.51 17.80
N MET A 255 -0.74 14.11 16.64
CA MET A 255 -1.55 15.04 15.86
C MET A 255 -2.79 15.51 16.63
N SER A 256 -3.36 14.61 17.43
CA SER A 256 -4.57 14.93 18.18
C SER A 256 -4.29 16.04 19.16
N ARG A 257 -3.04 16.11 19.63
CA ARG A 257 -2.68 17.21 20.56
C ARG A 257 -2.46 18.59 19.92
N ILE A 258 -2.25 18.64 18.60
CA ILE A 258 -2.04 19.93 17.93
C ILE A 258 -3.33 20.76 17.92
N PRO A 259 -3.24 22.03 18.33
CA PRO A 259 -4.45 22.87 18.30
C PRO A 259 -5.04 22.97 16.90
N GLY A 260 -6.37 22.94 16.80
CA GLY A 260 -7.02 23.04 15.51
C GLY A 260 -8.40 22.41 15.50
N GLY A 261 -8.87 22.07 14.30
CA GLY A 261 -10.17 21.45 14.14
C GLY A 261 -10.15 19.96 14.43
N ARG A 262 -11.17 19.26 13.98
CA ARG A 262 -11.23 17.82 14.11
C ARG A 262 -10.17 17.14 13.24
N MET A 263 -10.03 15.84 13.42
CA MET A 263 -9.15 15.07 12.55
C MET A 263 -9.94 14.50 11.38
N TYR A 264 -9.44 14.74 10.17
CA TYR A 264 -10.14 14.34 8.96
C TYR A 264 -9.41 13.22 8.25
N ALA A 265 -10.15 12.22 7.81
CA ALA A 265 -9.57 11.06 7.13
C ALA A 265 -10.48 10.61 6.01
N ASP A 266 -10.61 11.46 5.00
CA ASP A 266 -11.43 11.16 3.85
C ASP A 266 -10.69 10.22 2.93
N ASP A 267 -11.34 9.15 2.50
CA ASP A 267 -10.77 8.27 1.48
C ASP A 267 -11.22 8.71 0.10
N THR A 268 -10.27 8.74 -0.83
CA THR A 268 -10.57 9.06 -2.22
C THR A 268 -11.10 7.81 -2.92
N ALA A 269 -12.20 7.96 -3.66
CA ALA A 269 -12.77 6.85 -4.41
C ALA A 269 -11.85 6.42 -5.56
N GLY A 270 -11.18 5.28 -5.41
CA GLY A 270 -10.31 4.76 -6.44
C GLY A 270 -9.15 5.70 -6.77
N TRP A 271 -8.29 5.94 -5.78
CA TRP A 271 -7.20 6.90 -5.90
C TRP A 271 -6.37 6.73 -7.17
N ASP A 272 -5.88 5.52 -7.42
CA ASP A 272 -4.99 5.30 -8.56
C ASP A 272 -5.66 5.67 -9.88
N THR A 273 -6.98 5.46 -9.97
CA THR A 273 -7.70 5.75 -11.21
C THR A 273 -7.95 7.25 -11.39
N ARG A 274 -7.69 8.02 -10.36
CA ARG A 274 -7.92 9.46 -10.44
C ARG A 274 -6.62 10.28 -10.46
N ILE A 275 -5.50 9.58 -10.64
CA ILE A 275 -4.23 10.25 -10.89
C ILE A 275 -4.25 10.77 -12.33
N SER A 276 -4.13 12.09 -12.50
CA SER A 276 -4.27 12.72 -13.82
C SER A 276 -2.93 12.86 -14.52
N ARG A 277 -2.95 13.21 -15.81
CA ARG A 277 -1.70 13.42 -16.51
C ARG A 277 -0.96 14.62 -15.92
N PHE A 278 -1.71 15.55 -15.34
CA PHE A 278 -1.13 16.71 -14.70
C PHE A 278 -0.42 16.33 -13.40
N ASP A 279 -1.05 15.45 -12.62
CA ASP A 279 -0.40 14.85 -11.45
C ASP A 279 0.93 14.20 -11.85
N LEU A 280 0.91 13.45 -12.94
CA LEU A 280 2.10 12.74 -13.39
C LEU A 280 3.21 13.73 -13.80
N GLU A 281 2.82 14.79 -14.49
CA GLU A 281 3.77 15.83 -14.87
C GLU A 281 4.38 16.51 -13.65
N ASN A 282 3.56 16.72 -12.61
CA ASN A 282 4.07 17.36 -11.40
C ASN A 282 4.98 16.43 -10.61
N GLU A 283 4.66 15.14 -10.63
CA GLU A 283 5.51 14.15 -9.99
C GLU A 283 6.86 14.09 -10.71
N ALA A 284 6.82 14.30 -12.03
CA ALA A 284 8.04 14.25 -12.84
C ALA A 284 9.02 15.39 -12.56
N LEU A 285 8.58 16.40 -11.81
CA LEU A 285 9.42 17.55 -11.51
C LEU A 285 10.67 17.19 -10.70
N ILE A 286 10.66 16.00 -10.09
CA ILE A 286 11.84 15.55 -9.35
C ILE A 286 13.06 15.41 -10.27
N THR A 287 12.83 15.22 -11.57
CA THR A 287 13.94 15.05 -12.51
C THR A 287 14.81 16.30 -12.63
N ASN A 288 14.27 17.46 -12.23
CA ASN A 288 15.04 18.70 -12.26
C ASN A 288 16.16 18.73 -11.22
N GLN A 289 16.09 17.84 -10.25
CA GLN A 289 17.11 17.74 -9.21
C GLN A 289 18.15 16.67 -9.53
N MET A 290 18.03 16.06 -10.70
CA MET A 290 18.94 15.00 -11.11
C MET A 290 20.03 15.51 -12.04
N GLU A 291 21.22 14.92 -11.94
CA GLU A 291 22.24 15.17 -12.95
C GLU A 291 21.80 14.47 -14.25
N LYS A 292 22.41 14.85 -15.36
CA LYS A 292 21.84 14.57 -16.68
C LYS A 292 21.65 13.09 -17.07
N GLY A 293 22.58 12.20 -16.71
CA GLY A 293 22.42 10.80 -17.08
C GLY A 293 21.28 10.12 -16.34
N HIS A 294 21.31 10.29 -15.03
CA HIS A 294 20.22 9.85 -14.17
C HIS A 294 18.91 10.40 -14.70
N ARG A 295 18.94 11.69 -15.07
CA ARG A 295 17.76 12.36 -15.59
C ARG A 295 17.27 11.69 -16.88
N ALA A 296 18.20 11.24 -17.71
CA ALA A 296 17.82 10.55 -18.95
C ALA A 296 17.08 9.25 -18.62
N LEU A 297 17.66 8.47 -17.71
CA LEU A 297 16.99 7.22 -17.30
C LEU A 297 15.57 7.47 -16.74
N ALA A 298 15.49 8.43 -15.82
CA ALA A 298 14.23 8.71 -15.14
C ALA A 298 13.18 9.26 -16.10
N LEU A 299 13.59 10.13 -17.00
CA LEU A 299 12.67 10.70 -17.98
C LEU A 299 12.16 9.62 -18.90
N ALA A 300 13.03 8.67 -19.24
CA ALA A 300 12.58 7.51 -20.00
C ALA A 300 11.47 6.76 -19.25
N ILE A 301 11.74 6.42 -17.98
CA ILE A 301 10.75 5.68 -17.18
C ILE A 301 9.42 6.42 -17.07
N ILE A 302 9.47 7.70 -16.72
CA ILE A 302 8.26 8.51 -16.56
C ILE A 302 7.47 8.66 -17.85
N LYS A 303 8.14 9.11 -18.90
CA LYS A 303 7.45 9.45 -20.15
C LYS A 303 6.99 8.22 -20.93
N TYR A 304 7.72 7.11 -20.85
CA TYR A 304 7.32 5.91 -21.61
C TYR A 304 6.53 4.89 -20.79
N THR A 305 6.65 4.93 -19.47
CA THR A 305 5.97 3.94 -18.62
C THR A 305 4.84 4.56 -17.78
N TYR A 306 4.98 5.82 -17.40
CA TYR A 306 3.96 6.47 -16.56
C TYR A 306 2.98 7.28 -17.39
N GLN A 307 3.49 8.13 -18.27
CA GLN A 307 2.65 9.05 -19.03
C GLN A 307 2.06 8.42 -20.29
N ASN A 308 2.54 7.24 -20.67
CA ASN A 308 2.06 6.57 -21.87
C ASN A 308 2.09 5.06 -21.74
N LYS A 309 1.17 4.50 -20.97
CA LYS A 309 1.30 3.08 -20.64
C LYS A 309 0.54 2.16 -21.58
N VAL A 310 1.17 1.01 -21.82
CA VAL A 310 0.61 -0.09 -22.60
C VAL A 310 0.32 -1.26 -21.67
N VAL A 311 -0.87 -1.82 -21.79
CA VAL A 311 -1.35 -2.82 -20.85
C VAL A 311 -1.95 -4.00 -21.59
N LYS A 312 -1.66 -5.21 -21.11
CA LYS A 312 -2.30 -6.43 -21.60
C LYS A 312 -3.34 -6.91 -20.60
N VAL A 313 -4.56 -7.17 -21.08
CA VAL A 313 -5.64 -7.62 -20.19
C VAL A 313 -6.46 -8.77 -20.80
N LEU A 314 -6.82 -9.75 -19.99
CA LEU A 314 -7.56 -10.92 -20.46
C LEU A 314 -9.07 -10.66 -20.60
N ARG A 315 -9.69 -11.34 -21.57
CA ARG A 315 -11.11 -11.20 -21.85
C ARG A 315 -11.69 -12.50 -22.41
N PRO A 316 -12.87 -12.91 -21.92
CA PRO A 316 -13.49 -14.16 -22.38
C PRO A 316 -13.93 -14.07 -23.85
N ALA A 317 -13.78 -15.19 -24.58
CA ALA A 317 -14.20 -15.26 -25.97
C ALA A 317 -15.23 -16.37 -26.17
N GLU A 318 -15.36 -16.84 -27.41
CA GLU A 318 -16.37 -17.83 -27.75
C GLU A 318 -15.98 -19.25 -27.31
N LYS A 319 -16.98 -19.99 -26.86
CA LYS A 319 -16.83 -21.40 -26.43
C LYS A 319 -15.62 -21.65 -25.55
N GLY A 320 -15.55 -20.94 -24.42
CA GLY A 320 -14.51 -21.16 -23.43
C GLY A 320 -13.13 -20.64 -23.79
N LYS A 321 -13.01 -20.00 -24.95
CA LYS A 321 -11.72 -19.46 -25.36
C LYS A 321 -11.42 -18.13 -24.69
N THR A 322 -10.14 -17.75 -24.70
CA THR A 322 -9.71 -16.53 -24.03
C THR A 322 -8.83 -15.69 -24.93
N VAL A 323 -9.04 -14.37 -24.93
CA VAL A 323 -8.18 -13.47 -25.70
C VAL A 323 -7.47 -12.47 -24.80
N MET A 324 -6.34 -11.96 -25.27
CA MET A 324 -5.61 -10.89 -24.61
C MET A 324 -5.75 -9.61 -25.41
N ASP A 325 -6.23 -8.56 -24.76
CA ASP A 325 -6.37 -7.25 -25.37
C ASP A 325 -5.16 -6.38 -25.05
N ILE A 326 -4.79 -5.55 -26.01
CA ILE A 326 -3.69 -4.61 -25.84
C ILE A 326 -4.26 -3.19 -25.86
N ILE A 327 -4.20 -2.52 -24.72
CA ILE A 327 -4.76 -1.19 -24.61
C ILE A 327 -3.73 -0.20 -24.09
N SER A 328 -4.04 1.09 -24.18
CA SER A 328 -3.08 2.09 -23.71
C SER A 328 -3.78 3.34 -23.20
N ARG A 329 -3.09 4.10 -22.35
CA ARG A 329 -3.62 5.41 -21.96
C ARG A 329 -2.54 6.32 -21.41
N GLN A 330 -2.92 7.56 -21.10
CA GLN A 330 -1.97 8.59 -20.72
C GLN A 330 -2.16 9.14 -19.31
N ASP A 331 -2.99 8.48 -18.51
CA ASP A 331 -3.11 8.84 -17.10
C ASP A 331 -3.48 7.64 -16.26
N GLN A 332 -3.86 7.89 -15.01
CA GLN A 332 -4.03 6.88 -13.95
C GLN A 332 -2.67 6.36 -13.50
N ARG A 333 -2.67 5.79 -12.30
CA ARG A 333 -1.48 5.18 -11.72
C ARG A 333 -1.46 3.69 -12.02
N GLY A 334 -0.33 3.20 -12.49
CA GLY A 334 -0.12 1.76 -12.56
C GLY A 334 0.18 1.26 -11.17
N SER A 335 -0.76 0.55 -10.56
CA SER A 335 -0.57 0.07 -9.20
C SER A 335 0.57 -0.96 -9.14
N GLY A 336 1.20 -1.06 -7.98
CA GLY A 336 2.25 -2.05 -7.79
C GLY A 336 3.53 -1.82 -8.55
N GLN A 337 3.80 -0.58 -8.97
CA GLN A 337 5.12 -0.22 -9.48
C GLN A 337 6.07 -0.04 -8.31
N VAL A 338 7.35 0.14 -8.62
CA VAL A 338 8.36 0.28 -7.59
C VAL A 338 8.13 1.53 -6.74
N VAL A 339 7.75 2.64 -7.36
CA VAL A 339 7.58 3.89 -6.61
C VAL A 339 6.14 4.38 -6.62
N THR A 340 5.21 3.47 -6.83
CA THR A 340 3.78 3.82 -6.75
C THR A 340 3.45 4.42 -5.39
N TYR A 341 3.96 3.80 -4.34
CA TYR A 341 3.66 4.26 -2.98
C TYR A 341 4.23 5.65 -2.75
N ALA A 342 5.48 5.86 -3.13
CA ALA A 342 6.13 7.14 -2.90
C ALA A 342 5.47 8.28 -3.68
N LEU A 343 5.11 8.02 -4.94
CA LEU A 343 4.47 9.04 -5.77
C LEU A 343 3.03 9.33 -5.31
N ASN A 344 2.32 8.29 -4.91
CA ASN A 344 1.00 8.47 -4.32
C ASN A 344 1.07 9.33 -3.06
N THR A 345 2.06 9.04 -2.21
CA THR A 345 2.27 9.83 -1.00
C THR A 345 2.53 11.29 -1.37
N PHE A 346 3.44 11.49 -2.30
CA PHE A 346 3.78 12.85 -2.75
C PHE A 346 2.53 13.65 -3.19
N THR A 347 1.80 13.06 -4.12
CA THR A 347 0.66 13.78 -4.70
C THR A 347 -0.46 13.95 -3.66
N ASN A 348 -0.62 12.99 -2.77
CA ASN A 348 -1.61 13.14 -1.69
C ASN A 348 -1.22 14.29 -0.74
N LEU A 349 0.06 14.41 -0.42
CA LEU A 349 0.55 15.55 0.36
C LEU A 349 0.22 16.86 -0.34
N VAL A 350 0.46 16.91 -1.65
CA VAL A 350 0.13 18.12 -2.42
C VAL A 350 -1.35 18.46 -2.34
N VAL A 351 -2.18 17.43 -2.51
CA VAL A 351 -3.64 17.60 -2.47
C VAL A 351 -4.08 18.15 -1.11
N GLN A 352 -3.53 17.61 -0.03
CA GLN A 352 -3.95 18.08 1.29
C GLN A 352 -3.45 19.51 1.59
N LEU A 353 -2.24 19.84 1.12
CA LEU A 353 -1.78 21.22 1.25
C LEU A 353 -2.73 22.18 0.53
N ILE A 354 -3.12 21.82 -0.68
CA ILE A 354 -4.06 22.64 -1.44
C ILE A 354 -5.41 22.77 -0.73
N ARG A 355 -5.92 21.66 -0.19
CA ARG A 355 -7.18 21.71 0.54
C ARG A 355 -7.08 22.65 1.75
N ASN A 356 -5.95 22.60 2.46
CA ASN A 356 -5.76 23.51 3.57
C ASN A 356 -5.72 24.97 3.10
N MET A 357 -5.10 25.20 1.94
CA MET A 357 -5.05 26.57 1.41
C MET A 357 -6.43 27.09 1.03
N GLU A 358 -7.28 26.21 0.52
CA GLU A 358 -8.65 26.62 0.23
C GLU A 358 -9.41 26.90 1.53
N ALA A 359 -9.29 25.99 2.49
CA ALA A 359 -9.92 26.15 3.81
C ALA A 359 -9.56 27.47 4.47
N GLU A 360 -8.29 27.84 4.38
CA GLU A 360 -7.80 29.04 5.05
C GLU A 360 -7.99 30.29 4.20
N GLU A 361 -8.73 30.13 3.08
CA GLU A 361 -9.11 31.23 2.20
C GLU A 361 -7.93 31.95 1.56
N VAL A 362 -6.82 31.24 1.42
CA VAL A 362 -5.71 31.70 0.59
C VAL A 362 -6.13 31.62 -0.87
N LEU A 363 -6.68 30.47 -1.24
CA LEU A 363 -7.24 30.25 -2.57
C LEU A 363 -8.73 30.61 -2.56
N GLU A 364 -9.18 31.30 -3.59
CA GLU A 364 -10.62 31.57 -3.71
C GLU A 364 -11.17 30.92 -4.97
N MET A 365 -12.50 30.94 -5.10
CA MET A 365 -13.21 30.32 -6.24
C MET A 365 -12.61 30.76 -7.57
N GLN A 366 -12.39 32.07 -7.69
CA GLN A 366 -11.88 32.67 -8.92
C GLN A 366 -10.51 32.12 -9.31
N ASP A 367 -9.76 31.60 -8.34
CA ASP A 367 -8.44 31.03 -8.62
C ASP A 367 -8.52 29.68 -9.32
N LEU A 368 -9.70 29.08 -9.40
CA LEU A 368 -9.86 27.82 -10.12
C LEU A 368 -9.58 28.00 -11.61
N TRP A 369 -10.22 29.01 -12.19
CA TRP A 369 -10.15 29.29 -13.62
C TRP A 369 -8.76 29.73 -14.06
N LEU A 370 -8.15 30.58 -13.25
CA LEU A 370 -6.84 31.15 -13.52
C LEU A 370 -6.28 31.67 -12.21
N LEU A 371 -5.06 31.31 -11.91
CA LEU A 371 -4.44 31.75 -10.70
C LEU A 371 -3.94 33.15 -10.90
N ARG A 372 -4.56 34.09 -10.20
CA ARG A 372 -4.17 35.50 -10.28
C ARG A 372 -2.87 35.53 -9.51
N ARG A 373 -2.79 36.39 -8.49
CA ARG A 373 -1.53 36.65 -7.81
C ARG A 373 -1.00 35.38 -7.19
N SER A 374 0.05 34.79 -7.74
CA SER A 374 0.59 33.54 -7.23
C SER A 374 1.52 33.72 -6.04
N GLU A 375 1.92 34.96 -5.77
CA GLU A 375 2.84 35.21 -4.66
C GLU A 375 2.22 34.84 -3.31
N LYS A 376 0.89 34.87 -3.23
CA LYS A 376 0.21 34.50 -1.99
C LYS A 376 0.39 33.00 -1.69
N VAL A 377 0.41 32.21 -2.74
CA VAL A 377 0.62 30.76 -2.61
C VAL A 377 2.03 30.49 -2.12
N THR A 378 3.00 31.09 -2.78
CA THR A 378 4.39 30.97 -2.39
C THR A 378 4.58 31.39 -0.94
N ASN A 379 3.97 32.52 -0.56
CA ASN A 379 4.11 32.98 0.81
C ASN A 379 3.48 32.01 1.81
N TRP A 380 2.30 31.48 1.48
CA TRP A 380 1.64 30.54 2.38
C TRP A 380 2.48 29.28 2.55
N LEU A 381 3.06 28.79 1.47
CA LEU A 381 3.93 27.61 1.55
C LEU A 381 5.19 27.88 2.37
N GLN A 382 5.84 29.02 2.14
CA GLN A 382 7.07 29.31 2.87
C GLN A 382 6.82 29.58 4.36
N SER A 383 5.66 30.15 4.67
CA SER A 383 5.32 30.52 6.05
C SER A 383 4.70 29.38 6.86
N ASN A 384 3.83 28.62 6.22
CA ASN A 384 2.96 27.64 6.89
C ASN A 384 3.10 26.22 6.39
N GLY A 385 3.81 26.05 5.28
CA GLY A 385 3.90 24.75 4.62
C GLY A 385 4.31 23.63 5.55
N TRP A 386 5.42 23.81 6.25
CA TRP A 386 5.93 22.77 7.12
C TRP A 386 5.03 22.49 8.31
N ASP A 387 4.42 23.54 8.87
CA ASP A 387 3.47 23.36 9.95
C ASP A 387 2.31 22.47 9.49
N ARG A 388 1.80 22.78 8.30
CA ARG A 388 0.68 22.01 7.76
C ARG A 388 1.09 20.58 7.44
N LEU A 389 2.32 20.38 6.94
CA LEU A 389 2.82 19.05 6.68
C LEU A 389 2.87 18.23 7.97
N LYS A 390 3.35 18.86 9.04
CA LYS A 390 3.43 18.18 10.33
C LYS A 390 2.04 17.96 10.93
N ARG A 391 1.04 18.63 10.38
CA ARG A 391 -0.35 18.33 10.75
C ARG A 391 -0.99 17.17 9.96
N MET A 392 -0.17 16.42 9.21
CA MET A 392 -0.68 15.33 8.39
C MET A 392 0.00 14.00 8.67
N ALA A 393 -0.73 12.92 8.40
CA ALA A 393 -0.14 11.59 8.28
C ALA A 393 -0.59 11.03 6.94
N VAL A 394 0.34 10.89 6.02
CA VAL A 394 -0.01 10.47 4.66
C VAL A 394 0.78 9.23 4.26
N SER A 395 0.06 8.18 3.93
CA SER A 395 0.66 6.92 3.49
C SER A 395 0.00 6.48 2.18
N GLY A 396 0.66 6.76 1.06
CA GLY A 396 0.08 6.52 -0.24
C GLY A 396 -1.23 7.26 -0.36
N ASP A 397 -2.29 6.53 -0.70
CA ASP A 397 -3.61 7.15 -0.85
C ASP A 397 -4.35 7.39 0.46
N ASP A 398 -3.78 6.95 1.58
CA ASP A 398 -4.41 7.15 2.88
C ASP A 398 -3.92 8.41 3.58
N CYS A 399 -4.82 9.17 4.18
CA CYS A 399 -4.39 10.37 4.86
C CYS A 399 -5.25 10.71 6.07
N VAL A 400 -4.61 11.33 7.05
CA VAL A 400 -5.29 11.95 8.18
C VAL A 400 -4.75 13.38 8.25
N VAL A 401 -5.64 14.35 8.41
CA VAL A 401 -5.25 15.75 8.46
C VAL A 401 -5.81 16.42 9.72
N LYS A 402 -4.98 17.21 10.40
CA LYS A 402 -5.41 18.02 11.54
C LYS A 402 -5.31 19.52 11.18
N PRO A 403 -6.35 20.05 10.51
CA PRO A 403 -6.36 21.43 10.04
C PRO A 403 -6.41 22.44 11.19
N ILE A 404 -6.17 23.71 10.90
CA ILE A 404 -6.12 24.71 11.97
C ILE A 404 -7.51 25.07 12.50
N ASP A 405 -8.54 24.71 11.72
CA ASP A 405 -9.93 24.82 12.17
C ASP A 405 -10.79 23.93 11.29
N ASP A 406 -12.10 24.01 11.42
CA ASP A 406 -12.95 23.07 10.69
C ASP A 406 -13.49 23.59 9.34
N ARG A 407 -12.98 24.73 8.88
CA ARG A 407 -13.29 25.18 7.52
C ARG A 407 -12.87 24.11 6.51
N PHE A 408 -11.81 23.38 6.87
CA PHE A 408 -11.34 22.24 6.07
C PHE A 408 -12.47 21.33 5.63
N ALA A 409 -13.47 21.17 6.50
CA ALA A 409 -14.55 20.22 6.19
C ALA A 409 -15.30 20.59 4.92
N HIS A 410 -15.41 21.88 4.61
CA HIS A 410 -16.17 22.28 3.42
C HIS A 410 -15.28 22.90 2.35
N ALA A 411 -13.96 22.71 2.48
CA ALA A 411 -13.02 23.14 1.45
C ALA A 411 -12.94 22.09 0.35
N LEU A 412 -13.89 22.15 -0.60
CA LEU A 412 -14.07 21.05 -1.56
C LEU A 412 -13.88 21.42 -3.02
N ARG A 413 -13.78 22.71 -3.33
CA ARG A 413 -13.77 23.15 -4.72
C ARG A 413 -12.53 22.67 -5.48
N PHE A 414 -11.36 22.88 -4.89
CA PHE A 414 -10.14 22.44 -5.54
C PHE A 414 -10.01 20.92 -5.50
N LEU A 415 -10.40 20.32 -4.37
CA LEU A 415 -10.38 18.87 -4.25
C LEU A 415 -11.17 18.22 -5.37
N ASN A 416 -12.40 18.68 -5.56
CA ASN A 416 -13.25 18.12 -6.59
C ASN A 416 -12.79 18.50 -8.00
N ASP A 417 -12.23 19.70 -8.17
CA ASP A 417 -11.76 20.08 -9.50
C ASP A 417 -10.52 19.26 -9.89
N MET A 418 -9.79 18.78 -8.90
CA MET A 418 -8.61 17.95 -9.15
C MET A 418 -9.01 16.51 -9.39
N GLY A 419 -10.30 16.22 -9.29
CA GLY A 419 -10.81 14.88 -9.53
C GLY A 419 -10.59 13.93 -8.37
N LYS A 420 -10.25 14.47 -7.20
CA LYS A 420 -9.97 13.65 -6.03
C LYS A 420 -11.23 13.51 -5.17
N VAL A 421 -12.31 13.01 -5.76
CA VAL A 421 -13.61 12.97 -5.08
C VAL A 421 -13.63 11.94 -3.96
N ARG A 422 -14.32 12.28 -2.88
CA ARG A 422 -14.31 11.47 -1.67
C ARG A 422 -15.25 10.27 -1.78
N LYS A 423 -14.82 9.15 -1.19
CA LYS A 423 -15.59 7.91 -1.20
C LYS A 423 -16.80 7.99 -0.29
N ASP A 424 -17.90 7.36 -0.71
CA ASP A 424 -19.09 7.21 0.11
C ASP A 424 -19.66 8.53 0.63
N THR A 425 -19.72 9.54 -0.24
CA THR A 425 -20.23 10.84 0.17
C THR A 425 -20.67 11.68 -1.02
N GLN A 426 -21.77 12.41 -0.85
CA GLN A 426 -22.21 13.37 -1.86
C GLN A 426 -21.09 14.35 -2.11
N GLU A 427 -20.87 14.69 -3.38
CA GLU A 427 -19.70 15.43 -3.81
C GLU A 427 -19.51 16.74 -3.06
N TRP A 428 -20.60 17.40 -2.69
CA TRP A 428 -20.47 18.70 -2.05
C TRP A 428 -20.94 18.72 -0.60
N LYS A 429 -21.17 17.54 -0.06
CA LYS A 429 -21.48 17.39 1.37
C LYS A 429 -20.19 17.56 2.17
N PRO A 430 -20.22 18.43 3.20
CA PRO A 430 -18.99 18.66 3.99
C PRO A 430 -18.48 17.37 4.63
N SER A 431 -17.16 17.23 4.72
CA SER A 431 -16.57 16.08 5.37
C SER A 431 -16.93 16.05 6.86
N THR A 432 -17.03 14.85 7.41
CA THR A 432 -17.19 14.70 8.86
C THR A 432 -15.87 14.21 9.46
N GLY A 433 -15.37 14.96 10.44
CA GLY A 433 -14.12 14.61 11.09
C GLY A 433 -14.34 13.92 12.42
N TRP A 434 -13.25 13.53 13.07
CA TRP A 434 -13.31 12.82 14.34
C TRP A 434 -12.78 13.68 15.47
N ASP A 435 -13.45 13.62 16.62
CA ASP A 435 -12.95 14.26 17.84
C ASP A 435 -11.96 13.35 18.55
N ASN A 436 -12.17 12.04 18.41
CA ASN A 436 -11.38 11.05 19.12
C ASN A 436 -10.38 10.33 18.20
N TRP A 437 -9.09 10.56 18.44
CA TRP A 437 -8.05 10.04 17.57
C TRP A 437 -8.06 8.52 17.54
N GLU A 438 -8.58 7.90 18.59
CA GLU A 438 -8.61 6.44 18.66
C GLU A 438 -9.64 5.81 17.73
N GLU A 439 -10.48 6.64 17.11
CA GLU A 439 -11.50 6.17 16.19
C GLU A 439 -11.15 6.47 14.73
N VAL A 440 -10.08 7.21 14.52
CA VAL A 440 -9.69 7.63 13.18
C VAL A 440 -9.13 6.46 12.39
N PRO A 441 -9.68 6.20 11.19
CA PRO A 441 -9.13 5.15 10.33
C PRO A 441 -7.89 5.61 9.58
N PHE A 442 -6.90 4.73 9.47
CA PHE A 442 -5.65 5.04 8.79
C PHE A 442 -4.92 3.73 8.50
N CYS A 443 -4.57 3.54 7.23
CA CYS A 443 -3.88 2.33 6.78
C CYS A 443 -4.65 1.07 7.18
N SER A 444 -5.97 1.14 7.02
CA SER A 444 -6.89 0.01 7.25
C SER A 444 -6.97 -0.38 8.71
N HIS A 445 -6.47 0.50 9.59
CA HIS A 445 -6.53 0.26 11.03
C HIS A 445 -7.11 1.45 11.78
N HIS A 446 -7.44 1.23 13.04
CA HIS A 446 -7.57 2.31 14.01
C HIS A 446 -6.59 1.97 15.12
N PHE A 447 -6.41 2.90 16.06
CA PHE A 447 -5.34 2.73 17.04
C PHE A 447 -5.86 3.01 18.44
N ASN A 448 -5.53 2.13 19.38
CA ASN A 448 -6.07 2.25 20.74
C ASN A 448 -4.99 2.32 21.80
N LYS A 449 -5.18 3.17 22.80
CA LYS A 449 -4.25 3.19 23.92
C LYS A 449 -4.66 2.11 24.93
N LEU A 450 -3.71 1.27 25.28
CA LEU A 450 -3.91 0.20 26.25
C LEU A 450 -2.84 0.33 27.33
N HIS A 451 -3.04 -0.34 28.46
CA HIS A 451 -2.09 -0.24 29.56
C HIS A 451 -1.50 -1.58 29.95
N LEU A 452 -0.18 -1.63 30.08
CA LEU A 452 0.50 -2.82 30.60
C LEU A 452 0.07 -3.02 32.04
N LYS A 453 0.28 -4.22 32.57
CA LYS A 453 -0.09 -4.52 33.94
C LYS A 453 0.59 -3.57 34.92
N ASP A 454 1.82 -3.15 34.60
CA ASP A 454 2.57 -2.26 35.49
C ASP A 454 2.15 -0.79 35.35
N GLY A 455 1.19 -0.52 34.47
CA GLY A 455 0.61 0.82 34.37
C GLY A 455 1.07 1.65 33.19
N ARG A 456 2.13 1.21 32.52
CA ARG A 456 2.63 1.92 31.35
C ARG A 456 1.69 1.76 30.17
N SER A 457 1.55 2.80 29.36
CA SER A 457 0.64 2.74 28.24
C SER A 457 1.39 2.41 26.94
N ILE A 458 0.67 1.77 26.01
CA ILE A 458 1.14 1.54 24.65
C ILE A 458 0.00 1.92 23.70
N VAL A 459 0.32 2.22 22.45
CA VAL A 459 -0.72 2.50 21.47
C VAL A 459 -0.64 1.45 20.36
N VAL A 460 -1.70 0.67 20.21
CA VAL A 460 -1.68 -0.52 19.36
C VAL A 460 -2.56 -0.41 18.13
N PRO A 461 -2.19 -1.12 17.07
CA PRO A 461 -3.02 -1.18 15.86
C PRO A 461 -4.14 -2.20 16.00
N CYS A 462 -5.30 -1.86 15.45
CA CYS A 462 -6.44 -2.75 15.52
C CYS A 462 -7.26 -2.65 14.25
N ARG A 463 -7.87 -3.75 13.86
CA ARG A 463 -8.80 -3.74 12.73
C ARG A 463 -9.76 -4.89 12.91
N HIS A 464 -10.82 -4.93 12.11
CA HIS A 464 -11.79 -5.99 12.25
C HIS A 464 -11.10 -7.33 12.00
N GLN A 465 -11.35 -8.28 12.89
CA GLN A 465 -10.63 -9.54 12.96
C GLN A 465 -10.85 -10.46 11.75
N ASP A 466 -12.05 -10.38 11.17
CA ASP A 466 -12.41 -11.21 10.02
C ASP A 466 -11.40 -11.07 8.90
N GLU A 467 -10.93 -9.85 8.65
CA GLU A 467 -9.95 -9.65 7.59
C GLU A 467 -8.62 -10.32 7.88
N LEU A 468 -8.18 -10.25 9.12
CA LEU A 468 -6.91 -10.86 9.52
C LEU A 468 -6.97 -12.38 9.37
N ILE A 469 -8.02 -12.98 9.94
CA ILE A 469 -8.15 -14.44 9.87
C ILE A 469 -8.35 -14.88 8.42
N GLY A 470 -9.15 -14.13 7.69
CA GLY A 470 -9.42 -14.40 6.29
C GLY A 470 -8.16 -14.37 5.46
N ARG A 471 -7.28 -13.42 5.72
CA ARG A 471 -6.06 -13.38 4.93
C ARG A 471 -5.12 -14.50 5.35
N ALA A 472 -5.08 -14.84 6.64
CA ALA A 472 -4.21 -15.94 7.09
C ALA A 472 -4.60 -17.29 6.48
N ARG A 473 -5.86 -17.44 6.10
CA ARG A 473 -6.36 -18.69 5.54
C ARG A 473 -5.99 -18.86 4.06
N VAL A 474 -5.46 -17.81 3.46
CA VAL A 474 -5.15 -17.81 2.04
C VAL A 474 -3.71 -18.27 1.80
N SER A 475 -3.57 -19.27 0.93
CA SER A 475 -2.26 -19.74 0.52
C SER A 475 -2.03 -19.39 -0.95
N PRO A 476 -0.94 -18.67 -1.23
CA PRO A 476 -0.65 -18.17 -2.58
C PRO A 476 -0.17 -19.28 -3.52
N GLY A 477 0.31 -20.37 -2.96
CA GLY A 477 0.88 -21.45 -3.75
C GLY A 477 -0.15 -22.42 -4.30
N ALA A 478 0.32 -23.55 -4.81
CA ALA A 478 -0.56 -24.59 -5.34
C ALA A 478 -0.08 -25.95 -4.86
N GLY A 479 1.03 -26.42 -5.43
CA GLY A 479 1.65 -27.65 -4.98
C GLY A 479 2.44 -27.43 -3.71
N TRP A 480 1.90 -26.58 -2.84
CA TRP A 480 2.58 -26.20 -1.61
C TRP A 480 2.52 -27.34 -0.60
N SER A 481 3.70 -27.77 -0.15
CA SER A 481 3.84 -28.82 0.85
C SER A 481 3.26 -28.39 2.21
N ILE A 482 3.19 -29.32 3.16
CA ILE A 482 2.74 -28.97 4.50
C ILE A 482 3.77 -28.05 5.15
N ARG A 483 5.01 -28.12 4.67
CA ARG A 483 6.09 -27.32 5.23
C ARG A 483 5.92 -25.83 4.93
N GLU A 484 5.71 -25.52 3.65
CA GLU A 484 5.54 -24.12 3.24
C GLU A 484 4.27 -23.52 3.86
N THR A 485 3.22 -24.33 3.88
CA THR A 485 1.95 -23.97 4.47
C THR A 485 2.09 -23.66 5.96
N ALA A 486 2.79 -24.53 6.66
CA ALA A 486 3.01 -24.36 8.10
C ALA A 486 3.91 -23.16 8.40
N CYS A 487 4.93 -22.95 7.57
CA CYS A 487 5.83 -21.83 7.79
C CYS A 487 5.13 -20.50 7.54
N LEU A 488 4.22 -20.48 6.56
CA LEU A 488 3.40 -19.29 6.34
C LEU A 488 2.42 -19.05 7.49
N ALA A 489 1.79 -20.13 7.96
CA ALA A 489 0.91 -20.06 9.11
C ALA A 489 1.65 -19.47 10.31
N LYS A 490 2.88 -19.93 10.50
CA LYS A 490 3.72 -19.45 11.59
C LYS A 490 4.03 -17.96 11.41
N SER A 491 4.26 -17.54 10.17
CA SER A 491 4.46 -16.10 9.91
C SER A 491 3.25 -15.28 10.36
N TYR A 492 2.05 -15.71 9.95
CA TYR A 492 0.85 -15.01 10.40
C TYR A 492 0.71 -14.99 11.93
N ALA A 493 0.88 -16.14 12.55
CA ALA A 493 0.79 -16.26 14.00
C ALA A 493 1.72 -15.28 14.72
N GLN A 494 2.98 -15.23 14.28
CA GLN A 494 3.94 -14.41 14.98
C GLN A 494 3.67 -12.93 14.69
N MET A 495 3.18 -12.62 13.49
CA MET A 495 2.74 -11.25 13.24
C MET A 495 1.63 -10.85 14.20
N TRP A 496 0.66 -11.74 14.41
CA TRP A 496 -0.41 -11.46 15.36
C TRP A 496 0.11 -11.28 16.78
N GLN A 497 1.12 -12.07 17.14
CA GLN A 497 1.70 -11.95 18.48
C GLN A 497 2.37 -10.59 18.65
N LEU A 498 2.97 -10.06 17.58
CA LEU A 498 3.61 -8.76 17.69
C LEU A 498 2.64 -7.58 17.63
N LEU A 499 1.61 -7.67 16.79
CA LEU A 499 0.77 -6.50 16.51
C LEU A 499 -0.66 -6.57 17.04
N TYR A 500 -1.19 -7.78 17.16
CA TYR A 500 -2.61 -7.95 17.50
C TYR A 500 -2.79 -8.86 18.71
N PHE A 501 -1.76 -8.92 19.54
CA PHE A 501 -1.78 -9.67 20.80
C PHE A 501 -2.97 -9.32 21.68
N HIS A 502 -3.50 -8.12 21.50
CA HIS A 502 -4.57 -7.60 22.32
C HIS A 502 -5.95 -8.12 21.89
N ARG A 503 -5.98 -8.94 20.84
CA ARG A 503 -7.22 -9.58 20.41
C ARG A 503 -7.27 -11.02 20.93
N ARG A 504 -8.26 -11.34 21.74
CA ARG A 504 -8.33 -12.65 22.39
C ARG A 504 -8.25 -13.83 21.42
N ASP A 505 -9.09 -13.79 20.38
CA ASP A 505 -9.15 -14.86 19.40
C ASP A 505 -7.81 -15.01 18.69
N LEU A 506 -7.16 -13.90 18.38
CA LEU A 506 -5.90 -13.95 17.65
C LEU A 506 -4.76 -14.40 18.53
N ARG A 507 -4.74 -14.01 19.80
CA ARG A 507 -3.66 -14.49 20.64
C ARG A 507 -3.81 -16.02 20.82
N LEU A 508 -5.05 -16.46 21.03
CA LEU A 508 -5.27 -17.91 21.17
C LEU A 508 -4.89 -18.67 19.89
N MET A 509 -5.39 -18.21 18.75
CA MET A 509 -5.15 -18.88 17.48
C MET A 509 -3.65 -18.88 17.13
N ALA A 510 -2.98 -17.75 17.37
CA ALA A 510 -1.54 -17.65 17.13
C ALA A 510 -0.80 -18.63 18.01
N ASN A 511 -1.17 -18.72 19.28
CA ASN A 511 -0.49 -19.68 20.13
C ASN A 511 -0.74 -21.13 19.69
N ALA A 512 -1.94 -21.44 19.19
CA ALA A 512 -2.21 -22.80 18.71
C ALA A 512 -1.37 -23.12 17.47
N ILE A 513 -1.33 -22.16 16.55
CA ILE A 513 -0.50 -22.31 15.36
C ILE A 513 0.96 -22.54 15.73
N CYS A 514 1.48 -21.71 16.63
CA CYS A 514 2.88 -21.80 17.01
C CYS A 514 3.16 -23.09 17.78
N SER A 515 2.12 -23.63 18.41
CA SER A 515 2.23 -24.91 19.11
C SER A 515 2.11 -26.10 18.16
N SER A 516 1.62 -25.86 16.94
CA SER A 516 1.42 -26.93 15.97
C SER A 516 2.53 -27.02 14.92
N VAL A 517 3.39 -26.02 14.88
CA VAL A 517 4.49 -25.95 13.91
C VAL A 517 5.82 -26.21 14.61
N PRO A 518 6.68 -27.06 14.02
CA PRO A 518 7.99 -27.34 14.63
C PRO A 518 8.75 -26.06 14.97
N VAL A 519 9.34 -26.00 16.15
CA VAL A 519 9.93 -24.75 16.65
C VAL A 519 11.08 -24.25 15.78
N ASP A 520 11.74 -25.16 15.09
CA ASP A 520 12.93 -24.80 14.31
C ASP A 520 12.60 -24.39 12.88
N TRP A 521 11.34 -24.57 12.47
CA TRP A 521 10.94 -24.17 11.13
C TRP A 521 10.86 -22.64 11.04
N VAL A 522 11.50 -22.09 10.01
CA VAL A 522 11.58 -20.64 9.85
C VAL A 522 10.36 -20.09 9.10
N PRO A 523 9.71 -19.06 9.66
CA PRO A 523 8.57 -18.44 9.00
C PRO A 523 8.90 -17.96 7.60
N THR A 524 8.01 -18.20 6.64
CA THR A 524 8.22 -17.79 5.26
C THR A 524 6.97 -17.16 4.69
N GLY A 525 7.09 -16.51 3.55
CA GLY A 525 5.95 -15.91 2.89
C GLY A 525 5.70 -14.50 3.38
N ARG A 526 4.64 -13.87 2.87
CA ARG A 526 4.30 -12.52 3.32
C ARG A 526 2.90 -12.50 3.93
N THR A 527 2.73 -11.70 4.97
CA THR A 527 1.49 -11.70 5.72
C THR A 527 0.72 -10.40 5.55
N THR A 528 1.30 -9.45 4.82
CA THR A 528 0.63 -8.20 4.51
C THR A 528 1.30 -7.47 3.35
N TRP A 529 0.53 -6.67 2.63
CA TRP A 529 1.11 -5.87 1.54
C TRP A 529 1.46 -4.47 2.02
N SER A 530 1.03 -4.11 3.22
CA SER A 530 1.30 -2.78 3.76
C SER A 530 2.78 -2.57 4.03
N ILE A 531 3.29 -1.40 3.66
CA ILE A 531 4.68 -1.09 3.93
C ILE A 531 4.91 -0.88 5.42
N HIS A 532 3.82 -0.83 6.18
CA HIS A 532 3.91 -0.63 7.62
C HIS A 532 3.97 -1.94 8.39
N GLY A 533 3.82 -3.06 7.68
CA GLY A 533 4.10 -4.36 8.26
C GLY A 533 5.55 -4.69 7.97
N LYS A 534 6.44 -4.43 8.93
CA LYS A 534 7.88 -4.45 8.66
C LYS A 534 8.55 -5.81 8.84
N GLY A 535 7.77 -6.80 9.27
CA GLY A 535 8.24 -8.17 9.25
C GLY A 535 9.20 -8.58 10.36
N GLU A 536 9.14 -7.90 11.49
CA GLU A 536 9.94 -8.30 12.66
C GLU A 536 9.58 -9.72 13.13
N TRP A 537 8.41 -10.20 12.74
CA TRP A 537 7.94 -11.53 13.12
C TRP A 537 8.52 -12.65 12.26
N MET A 538 9.27 -12.29 11.23
CA MET A 538 9.84 -13.29 10.32
C MET A 538 11.15 -13.81 10.88
N THR A 539 11.05 -14.61 11.94
CA THR A 539 12.21 -14.99 12.73
C THR A 539 11.90 -16.21 13.58
N THR A 540 12.93 -16.90 14.06
CA THR A 540 12.72 -17.98 15.03
C THR A 540 13.13 -17.50 16.41
N GLU A 541 13.55 -16.24 16.50
CA GLU A 541 13.81 -15.61 17.78
C GLU A 541 12.52 -15.66 18.61
N ASP A 542 12.65 -15.76 19.93
CA ASP A 542 11.48 -15.83 20.78
C ASP A 542 10.64 -14.56 20.64
N MET A 543 9.34 -14.72 20.42
CA MET A 543 8.51 -13.56 20.12
C MET A 543 8.27 -12.63 21.31
N LEU A 544 8.48 -13.10 22.54
CA LEU A 544 8.40 -12.17 23.67
C LEU A 544 9.61 -11.23 23.65
N VAL A 545 10.76 -11.76 23.25
CA VAL A 545 11.96 -10.95 23.11
C VAL A 545 11.77 -9.89 22.01
N VAL A 546 11.23 -10.33 20.88
CA VAL A 546 10.95 -9.42 19.77
C VAL A 546 9.92 -8.37 20.17
N TRP A 547 8.88 -8.80 20.87
CA TRP A 547 7.85 -7.90 21.40
C TRP A 547 8.50 -6.83 22.26
N ASN A 548 9.41 -7.24 23.15
CA ASN A 548 10.11 -6.27 23.96
C ASN A 548 10.96 -5.31 23.16
N ARG A 549 11.64 -5.80 22.14
CA ARG A 549 12.47 -4.90 21.34
C ARG A 549 11.60 -3.87 20.61
N VAL A 550 10.47 -4.32 20.09
CA VAL A 550 9.60 -3.45 19.31
C VAL A 550 8.82 -2.44 20.14
N TRP A 551 8.26 -2.89 21.25
CA TRP A 551 7.33 -2.09 22.04
C TRP A 551 7.98 -1.36 23.20
N ILE A 552 9.17 -1.78 23.61
CA ILE A 552 9.84 -1.17 24.76
C ILE A 552 11.17 -0.54 24.36
N GLU A 553 12.12 -1.40 24.00
CA GLU A 553 13.49 -0.97 23.76
C GLU A 553 13.63 0.08 22.66
N GLU A 554 13.09 -0.20 21.48
CA GLU A 554 13.26 0.71 20.35
C GLU A 554 12.05 1.61 20.14
N ASN A 555 11.14 1.60 21.10
CA ASN A 555 9.94 2.44 21.06
C ASN A 555 10.19 3.78 21.73
N ASP A 556 10.42 4.81 20.92
CA ASP A 556 10.72 6.15 21.44
C ASP A 556 9.58 6.74 22.25
N HIS A 557 8.39 6.19 22.08
CA HIS A 557 7.23 6.66 22.82
C HIS A 557 7.04 5.88 24.11
N MET A 558 7.98 4.99 24.42
CA MET A 558 7.99 4.28 25.69
C MET A 558 9.12 4.83 26.55
N GLU A 559 8.78 5.69 27.49
CA GLU A 559 9.76 6.39 28.30
C GLU A 559 10.53 5.44 29.20
N ASP A 560 9.80 4.60 29.91
CA ASP A 560 10.37 3.63 30.85
C ASP A 560 10.73 2.34 30.11
N LYS A 561 12.02 2.01 30.09
CA LYS A 561 12.52 0.88 29.31
C LYS A 561 12.54 -0.45 30.06
N THR A 562 11.84 -0.53 31.18
CA THR A 562 11.71 -1.78 31.92
C THR A 562 11.13 -2.88 31.05
N PRO A 563 11.83 -4.02 30.96
CA PRO A 563 11.35 -5.13 30.11
C PRO A 563 10.07 -5.75 30.62
N VAL A 564 9.29 -6.35 29.71
CA VAL A 564 8.13 -7.15 30.08
C VAL A 564 8.52 -8.63 30.02
N THR A 565 8.30 -9.37 31.10
CA THR A 565 8.88 -10.69 31.20
C THR A 565 7.88 -11.85 31.04
N LYS A 566 6.61 -11.54 30.89
CA LYS A 566 5.62 -12.58 30.61
C LYS A 566 4.42 -12.08 29.83
N TRP A 567 3.84 -12.96 29.02
CA TRP A 567 2.75 -12.59 28.12
C TRP A 567 1.50 -12.15 28.89
N THR A 568 1.32 -12.65 30.11
CA THR A 568 0.13 -12.27 30.89
C THR A 568 0.18 -10.83 31.37
N ASP A 569 1.36 -10.22 31.33
CA ASP A 569 1.49 -8.79 31.64
C ASP A 569 1.05 -7.92 30.46
N ILE A 570 0.91 -8.55 29.29
CA ILE A 570 0.56 -7.82 28.09
C ILE A 570 -0.95 -7.88 27.86
N PRO A 571 -1.60 -6.71 27.74
CA PRO A 571 -3.06 -6.61 27.85
C PRO A 571 -3.85 -7.03 26.61
N TYR A 572 -5.14 -7.31 26.84
CA TYR A 572 -6.13 -7.40 25.77
C TYR A 572 -6.91 -6.09 25.70
N LEU A 573 -7.60 -5.87 24.58
CA LEU A 573 -8.64 -4.85 24.53
C LEU A 573 -9.69 -5.20 25.57
N GLY A 574 -10.51 -4.23 25.97
CA GLY A 574 -11.68 -4.55 26.76
C GLY A 574 -12.58 -5.46 25.94
N LYS A 575 -13.39 -6.29 26.59
CA LYS A 575 -14.25 -7.23 25.88
C LYS A 575 -15.19 -6.52 24.91
N ARG A 576 -15.72 -5.37 25.32
CA ARG A 576 -16.61 -4.59 24.48
C ARG A 576 -15.92 -4.22 23.17
N GLU A 577 -14.69 -3.73 23.28
CA GLU A 577 -13.90 -3.33 22.13
C GLU A 577 -13.52 -4.52 21.25
N ASP A 578 -13.10 -5.62 21.88
CA ASP A 578 -12.76 -6.86 21.17
C ASP A 578 -13.96 -7.33 20.34
N LEU A 579 -15.14 -7.35 20.96
CA LEU A 579 -16.36 -7.77 20.28
C LEU A 579 -16.74 -6.82 19.15
N TRP A 580 -16.63 -5.53 19.41
CA TRP A 580 -16.94 -4.54 18.39
C TRP A 580 -16.11 -4.77 17.14
N CYS A 581 -14.86 -5.17 17.33
CA CYS A 581 -13.97 -5.42 16.21
C CYS A 581 -13.93 -6.88 15.81
N GLY A 582 -15.04 -7.58 16.03
CA GLY A 582 -15.27 -8.88 15.40
C GLY A 582 -14.90 -10.12 16.19
N SER A 583 -14.61 -9.99 17.48
CA SER A 583 -14.27 -11.15 18.28
C SER A 583 -15.46 -12.10 18.41
N LEU A 584 -15.18 -13.39 18.50
CA LEU A 584 -16.23 -14.39 18.71
C LEU A 584 -16.26 -14.89 20.15
N ILE A 585 -15.59 -14.17 21.05
CA ILE A 585 -15.63 -14.55 22.46
C ILE A 585 -17.07 -14.60 22.94
N GLY A 586 -17.39 -15.65 23.69
CA GLY A 586 -18.75 -15.81 24.16
C GLY A 586 -19.71 -16.57 23.26
N HIS A 587 -19.43 -16.66 21.97
CA HIS A 587 -20.30 -17.39 21.09
C HIS A 587 -19.83 -18.81 20.79
N ARG A 588 -20.82 -19.71 20.86
CA ARG A 588 -20.65 -21.11 21.21
C ARG A 588 -19.61 -21.91 20.42
N PRO A 589 -19.66 -21.89 19.08
CA PRO A 589 -18.60 -22.53 18.30
C PRO A 589 -17.21 -22.08 18.70
N ARG A 590 -17.04 -20.80 19.05
CA ARG A 590 -15.74 -20.29 19.47
C ARG A 590 -15.37 -20.87 20.83
N THR A 591 -16.34 -20.96 21.74
CA THR A 591 -16.08 -21.55 23.06
C THR A 591 -15.65 -23.01 22.93
N THR A 592 -16.39 -23.76 22.10
CA THR A 592 -16.06 -25.15 21.79
C THR A 592 -14.65 -25.25 21.21
N TRP A 593 -14.35 -24.38 20.25
CA TRP A 593 -13.03 -24.32 19.63
C TRP A 593 -11.93 -24.12 20.65
N ALA A 594 -12.13 -23.18 21.56
CA ALA A 594 -11.12 -22.88 22.58
C ALA A 594 -10.96 -24.05 23.54
N GLU A 595 -12.07 -24.67 23.91
CA GLU A 595 -12.03 -25.80 24.82
C GLU A 595 -11.37 -27.02 24.19
N ASN A 596 -11.51 -27.16 22.87
CA ASN A 596 -10.94 -28.29 22.16
C ASN A 596 -9.55 -28.02 21.56
N ILE A 597 -9.01 -26.83 21.78
CA ILE A 597 -7.84 -26.37 21.02
C ILE A 597 -6.61 -27.29 21.14
N LYS A 598 -6.38 -27.87 22.32
CA LYS A 598 -5.24 -28.76 22.50
C LYS A 598 -5.35 -30.02 21.65
N ASN A 599 -6.56 -30.57 21.56
CA ASN A 599 -6.83 -31.72 20.69
C ASN A 599 -6.49 -31.41 19.24
N THR A 600 -6.90 -30.23 18.80
CA THR A 600 -6.69 -29.77 17.44
C THR A 600 -5.19 -29.61 17.16
N VAL A 601 -4.48 -29.03 18.12
CA VAL A 601 -3.03 -28.85 18.00
C VAL A 601 -2.36 -30.22 17.87
N ASN A 602 -2.77 -31.17 18.70
CA ASN A 602 -2.21 -32.50 18.61
C ASN A 602 -2.51 -33.13 17.25
N MET A 603 -3.69 -32.85 16.70
CA MET A 603 -4.01 -33.30 15.33
C MET A 603 -3.03 -32.75 14.29
N VAL A 604 -2.80 -31.43 14.34
CA VAL A 604 -1.89 -30.86 13.35
C VAL A 604 -0.49 -31.44 13.54
N ARG A 605 -0.07 -31.60 14.79
CA ARG A 605 1.23 -32.18 15.08
C ARG A 605 1.35 -33.59 14.50
N ARG A 606 0.29 -34.39 14.62
CA ARG A 606 0.33 -35.76 14.10
C ARG A 606 0.41 -35.72 12.58
N ILE A 607 -0.24 -34.72 11.97
CA ILE A 607 -0.15 -34.58 10.51
C ILE A 607 1.26 -34.20 10.04
N ILE A 608 1.82 -33.16 10.63
CA ILE A 608 3.14 -32.67 10.25
C ILE A 608 4.24 -33.66 10.64
N GLY A 609 4.08 -34.29 11.81
CA GLY A 609 5.00 -35.31 12.25
C GLY A 609 5.30 -35.24 13.74
N ASP A 610 4.95 -36.31 14.46
CA ASP A 610 5.15 -36.35 15.90
C ASP A 610 6.64 -36.41 16.27
N GLU A 611 7.49 -36.73 15.30
CA GLU A 611 8.93 -36.82 15.54
C GLU A 611 9.59 -35.45 15.60
N GLU A 612 8.93 -34.43 15.04
CA GLU A 612 9.46 -33.07 15.09
C GLU A 612 9.40 -32.53 16.52
N LYS A 613 10.11 -31.43 16.76
CA LYS A 613 10.12 -30.80 18.08
C LYS A 613 9.10 -29.65 18.15
N TYR A 614 8.15 -29.76 19.07
CA TYR A 614 7.12 -28.73 19.24
C TYR A 614 7.20 -28.08 20.62
N MET A 615 6.69 -26.87 20.72
CA MET A 615 6.60 -26.13 21.97
C MET A 615 5.14 -25.89 22.32
N ASP A 616 4.82 -25.85 23.62
CA ASP A 616 3.47 -25.58 24.07
C ASP A 616 3.32 -24.10 24.44
N TYR A 617 2.78 -23.31 23.52
CA TYR A 617 2.58 -21.87 23.78
C TYR A 617 1.21 -21.62 24.39
N LEU A 618 0.41 -22.67 24.52
CA LEU A 618 -0.93 -22.57 25.07
C LEU A 618 -0.91 -22.65 26.59
N SER A 619 -0.24 -23.69 27.11
CA SER A 619 -0.09 -23.96 28.55
C SER A 619 -1.25 -23.51 29.42
ZN ZN B . -10.45 -2.36 17.07
ZN ZN C . 11.02 0.34 -21.84
#